data_6WZY
#
_entry.id   6WZY
#
_cell.length_a   68.722
_cell.length_b   44.969
_cell.length_c   71.774
_cell.angle_alpha   90.000
_cell.angle_beta   98.230
_cell.angle_gamma   90.000
#
_symmetry.space_group_name_H-M   'P 1 21 1'
#
loop_
_entity.id
_entity.type
_entity.pdbx_description
1 polymer 'H-2 class I histocompatibility antigen, D-B alpha chain'
2 polymer Beta-2-microglobulin
3 polymer 'Epitope from Neuraminidase Protein (NA-181-190)'
4 non-polymer 1,2-ETHANEDIOL
5 non-polymer DI(HYDROXYETHYL)ETHER
6 non-polymer 'PHOSPHATE ION'
7 water water
#
loop_
_entity_poly.entity_id
_entity_poly.type
_entity_poly.pdbx_seq_one_letter_code
_entity_poly.pdbx_strand_id
1 'polypeptide(L)'
;MGPHSMRYFETAVSRPGLEEPRYISVGYVDNKEFVRFDSDAENPRYEPRAPWMEQEGPEYWERETQKAKGQEQWFRVSLR
NLLGYYNQSAGGSHTLQQMSGCDLGSDWRLLRGYLQFAYEGRDYIALNEDLKTWTAADMAAQITRRKWEQSGAAEHYKAY
LEGECVEWLHRYLKNGNATLLRTDSPKAHVTHHPRSKGEVTLRCWALGFYPADITLTWQLNGEELTQDMELVETRPAGDG
TFQKWASVVVPLGKEQNYTCRVYHEGLPEPLTLRWEPPP
;
A
2 'polypeptide(L)'
;IQRTPKIQVYSRHPAENGKSNFLNCYVSGFHPSDIEVDLLKNGERIEKVEHSDLSFSKDWSFYLLYYTEFTPTEKDEYAC
RVNHVTLSQPKIVKWDRDM
;
B
3 'polypeptide(L)' SGPDNGAVAV C
#
loop_
_chem_comp.id
_chem_comp.type
_chem_comp.name
_chem_comp.formula
EDO non-polymer 1,2-ETHANEDIOL 'C2 H6 O2'
PEG non-polymer DI(HYDROXYETHYL)ETHER 'C4 H10 O3'
PO4 non-polymer 'PHOSPHATE ION' 'O4 P -3'
#
# COMPACT_ATOMS: atom_id res chain seq x y z
N MET A 1 1.43 -15.01 2.54
N MET A 1 0.95 -15.53 3.02
CA MET A 1 2.66 -15.77 2.71
CA MET A 1 2.34 -15.96 3.01
C MET A 1 3.53 -15.19 3.83
C MET A 1 3.12 -15.30 4.14
N GLY A 2 4.05 -16.05 4.72
CA GLY A 2 4.94 -15.60 5.79
C GLY A 2 4.32 -15.47 7.16
N PRO A 3 5.07 -14.91 8.13
CA PRO A 3 4.52 -14.77 9.49
C PRO A 3 3.29 -13.86 9.52
N HIS A 4 2.43 -14.08 10.50
CA HIS A 4 1.30 -13.18 10.74
C HIS A 4 1.86 -11.85 11.19
N SER A 5 1.19 -10.77 10.81
CA SER A 5 1.69 -9.45 11.15
C SER A 5 0.59 -8.49 11.46
N MET A 6 0.93 -7.47 12.27
CA MET A 6 0.07 -6.35 12.51
C MET A 6 0.89 -5.08 12.29
N ARG A 7 0.29 -4.09 11.66
CA ARG A 7 0.94 -2.79 11.49
C ARG A 7 -0.03 -1.66 11.68
N TYR A 8 0.45 -0.56 12.26
CA TYR A 8 -0.28 0.69 12.27
C TYR A 8 0.52 1.71 11.51
N PHE A 9 -0.08 2.29 10.47
CA PHE A 9 0.56 3.32 9.63
C PHE A 9 -0.14 4.63 9.90
N GLU A 10 0.57 5.60 10.50
CA GLU A 10 -0.05 6.83 10.96
C GLU A 10 0.54 8.04 10.25
N THR A 11 -0.28 9.01 9.90
CA THR A 11 0.20 10.19 9.18
C THR A 11 -0.45 11.42 9.72
N ALA A 12 0.34 12.52 9.85
CA ALA A 12 -0.24 13.83 10.15
C ALA A 12 0.26 14.77 9.09
N VAL A 13 -0.65 15.59 8.53
CA VAL A 13 -0.26 16.57 7.50
C VAL A 13 -0.67 17.93 7.97
N SER A 14 0.29 18.85 8.10
CA SER A 14 -0.12 20.18 8.55
C SER A 14 -0.81 20.90 7.39
N ARG A 15 -1.68 21.86 7.70
CA ARG A 15 -2.38 22.56 6.64
C ARG A 15 -2.06 24.06 6.72
N PRO A 16 -1.87 24.75 5.56
CA PRO A 16 -1.49 26.18 5.61
C PRO A 16 -2.56 27.05 6.27
N GLY A 17 -2.12 27.88 7.21
CA GLY A 17 -2.97 28.81 7.96
C GLY A 17 -3.08 28.48 9.44
N LEU A 18 -4.25 28.77 10.03
CA LEU A 18 -4.55 28.50 11.44
C LEU A 18 -5.19 27.09 11.57
N GLU A 19 -5.41 26.43 10.42
CA GLU A 19 -5.98 25.09 10.29
C GLU A 19 -5.05 24.06 10.95
N GLU A 20 -5.61 23.21 11.83
CA GLU A 20 -4.88 22.16 12.55
C GLU A 20 -4.56 20.99 11.59
N PRO A 21 -3.58 20.10 11.89
CA PRO A 21 -3.21 19.08 10.90
C PRO A 21 -4.24 17.98 10.72
N ARG A 22 -4.18 17.30 9.58
CA ARG A 22 -5.02 16.13 9.33
C ARG A 22 -4.27 14.91 9.86
N TYR A 23 -4.93 14.07 10.65
CA TYR A 23 -4.27 12.87 11.20
C TYR A 23 -5.09 11.63 10.79
N ILE A 24 -4.41 10.66 10.21
CA ILE A 24 -5.00 9.41 9.71
C ILE A 24 -4.23 8.26 10.29
N SER A 25 -4.92 7.28 10.87
CA SER A 25 -4.25 6.07 11.34
C SER A 25 -4.92 4.88 10.68
N VAL A 26 -4.11 3.97 10.10
CA VAL A 26 -4.65 2.77 9.47
C VAL A 26 -4.01 1.56 10.09
N GLY A 27 -4.83 0.60 10.50
CA GLY A 27 -4.33 -0.66 11.04
C GLY A 27 -4.48 -1.77 10.00
N TYR A 28 -3.50 -2.70 9.97
CA TYR A 28 -3.45 -3.84 9.09
C TYR A 28 -3.24 -5.10 9.89
N VAL A 29 -3.88 -6.21 9.48
CA VAL A 29 -3.61 -7.55 9.98
C VAL A 29 -3.30 -8.37 8.73
N ASP A 30 -2.12 -9.00 8.69
CA ASP A 30 -1.72 -9.81 7.53
C ASP A 30 -1.90 -9.05 6.21
N ASN A 31 -1.47 -7.77 6.22
CA ASN A 31 -1.42 -6.85 5.07
C ASN A 31 -2.77 -6.44 4.54
N LYS A 32 -3.85 -6.65 5.31
CA LYS A 32 -5.17 -6.18 4.90
C LYS A 32 -5.66 -5.16 5.94
N GLU A 33 -6.14 -4.01 5.46
CA GLU A 33 -6.64 -2.98 6.33
C GLU A 33 -7.80 -3.52 7.19
N PHE A 34 -7.77 -3.27 8.51
CA PHE A 34 -8.87 -3.76 9.36
C PHE A 34 -9.51 -2.66 10.21
N VAL A 35 -8.80 -1.52 10.45
CA VAL A 35 -9.34 -0.37 11.19
C VAL A 35 -8.79 0.91 10.60
N ARG A 36 -9.53 2.01 10.78
CA ARG A 36 -9.06 3.32 10.28
C ARG A 36 -9.62 4.41 11.12
N PHE A 37 -8.80 5.43 11.37
CA PHE A 37 -9.18 6.66 12.05
C PHE A 37 -8.79 7.83 11.14
N ASP A 38 -9.72 8.78 10.90
CA ASP A 38 -9.43 9.99 10.09
C ASP A 38 -10.00 11.23 10.78
N SER A 39 -9.13 12.19 11.15
CA SER A 39 -9.54 13.40 11.87
C SER A 39 -10.49 14.30 11.03
N ASP A 40 -10.52 14.10 9.70
CA ASP A 40 -11.38 14.90 8.80
C ASP A 40 -12.84 14.38 8.77
N ALA A 41 -13.11 13.21 9.37
CA ALA A 41 -14.47 12.65 9.40
C ALA A 41 -15.38 13.54 10.23
N GLU A 42 -16.69 13.54 9.91
CA GLU A 42 -17.71 14.31 10.64
C GLU A 42 -17.63 14.02 12.13
N ASN A 43 -17.55 12.73 12.48
CA ASN A 43 -17.37 12.21 13.83
C ASN A 43 -16.09 11.35 13.81
N PRO A 44 -14.92 11.92 14.16
CA PRO A 44 -13.69 11.14 14.07
C PRO A 44 -13.65 10.05 15.13
N ARG A 45 -13.53 8.82 14.65
CA ARG A 45 -13.45 7.66 15.50
C ARG A 45 -12.77 6.54 14.76
N TYR A 46 -12.24 5.53 15.51
CA TYR A 46 -11.77 4.36 14.81
C TYR A 46 -12.99 3.64 14.28
N GLU A 47 -12.88 3.15 13.04
CA GLU A 47 -13.99 2.39 12.41
C GLU A 47 -13.53 1.02 12.00
N PRO A 48 -14.40 0.01 12.07
CA PRO A 48 -14.03 -1.29 11.52
C PRO A 48 -13.97 -1.19 10.00
N ARG A 49 -12.87 -1.68 9.43
CA ARG A 49 -12.69 -1.71 7.97
C ARG A 49 -12.80 -3.14 7.47
N ALA A 50 -12.53 -4.12 8.33
CA ALA A 50 -12.74 -5.55 8.07
C ALA A 50 -13.98 -5.86 8.86
N PRO A 51 -15.01 -6.46 8.26
CA PRO A 51 -16.29 -6.61 8.99
C PRO A 51 -16.23 -7.52 10.23
N TRP A 52 -15.25 -8.42 10.30
CA TRP A 52 -15.09 -9.30 11.47
C TRP A 52 -14.69 -8.49 12.72
N MET A 53 -14.28 -7.22 12.52
CA MET A 53 -13.97 -6.38 13.68
C MET A 53 -15.21 -5.97 14.45
N GLU A 54 -16.39 -6.19 13.86
CA GLU A 54 -17.64 -5.85 14.54
C GLU A 54 -17.95 -6.88 15.65
N GLN A 55 -17.06 -7.85 15.84
CA GLN A 55 -17.11 -8.72 17.02
C GLN A 55 -16.69 -7.90 18.26
N GLU A 56 -15.95 -6.76 18.07
CA GLU A 56 -15.59 -5.90 19.21
C GLU A 56 -16.75 -5.05 19.63
N GLY A 57 -16.93 -4.94 20.94
CA GLY A 57 -17.97 -4.13 21.54
C GLY A 57 -17.66 -2.64 21.61
N PRO A 58 -18.64 -1.83 22.09
CA PRO A 58 -18.44 -0.37 22.14
C PRO A 58 -17.27 0.11 22.99
N GLU A 59 -16.88 -0.62 24.03
CA GLU A 59 -15.75 -0.22 24.89
C GLU A 59 -14.44 -0.24 24.10
N TYR A 60 -14.27 -1.23 23.21
CA TYR A 60 -13.08 -1.33 22.37
C TYR A 60 -12.97 -0.05 21.52
N TRP A 61 -14.03 0.29 20.78
CA TRP A 61 -14.02 1.45 19.90
C TRP A 61 -13.79 2.73 20.66
N GLU A 62 -14.38 2.86 21.86
CA GLU A 62 -14.17 4.06 22.64
C GLU A 62 -12.72 4.20 23.07
N ARG A 63 -12.13 3.12 23.60
CA ARG A 63 -10.75 3.15 24.04
C ARG A 63 -9.81 3.46 22.88
N GLU A 64 -10.01 2.82 21.72
CA GLU A 64 -9.09 3.06 20.59
C GLU A 64 -9.25 4.47 20.06
N THR A 65 -10.49 4.99 20.05
CA THR A 65 -10.73 6.37 19.59
C THR A 65 -10.03 7.36 20.52
N GLN A 66 -10.14 7.15 21.86
CA GLN A 66 -9.43 8.03 22.80
C GLN A 66 -7.91 8.00 22.55
N LYS A 67 -7.36 6.82 22.28
CA LYS A 67 -5.94 6.65 21.99
C LYS A 67 -5.57 7.46 20.72
N ALA A 68 -6.41 7.40 19.67
CA ALA A 68 -6.14 8.17 18.44
C ALA A 68 -6.13 9.65 18.72
N LYS A 69 -7.02 10.13 19.62
CA LYS A 69 -7.04 11.56 19.96
C LYS A 69 -5.73 11.97 20.61
N GLY A 70 -5.16 11.10 21.45
CA GLY A 70 -3.86 11.33 22.06
C GLY A 70 -2.75 11.33 21.01
N GLN A 71 -2.80 10.33 20.10
CA GLN A 71 -1.74 10.26 19.07
C GLN A 71 -1.78 11.50 18.19
N GLU A 72 -2.98 11.96 17.82
CA GLU A 72 -3.13 13.14 16.98
C GLU A 72 -2.44 14.36 17.62
N GLN A 73 -2.59 14.51 18.96
CA GLN A 73 -1.95 15.63 19.63
C GLN A 73 -0.44 15.47 19.67
N TRP A 74 0.04 14.24 19.84
CA TRP A 74 1.47 13.97 19.83
C TRP A 74 2.07 14.33 18.46
N PHE A 75 1.36 13.97 17.39
CA PHE A 75 1.83 14.33 16.05
C PHE A 75 1.80 15.85 15.86
N ARG A 76 0.79 16.54 16.41
CA ARG A 76 0.71 18.01 16.28
C ARG A 76 1.92 18.68 16.95
N VAL A 77 2.24 18.28 18.19
CA VAL A 77 3.40 18.84 18.92
C VAL A 77 4.68 18.50 18.15
N SER A 78 4.80 17.24 17.68
CA SER A 78 5.99 16.81 16.95
C SER A 78 6.17 17.61 15.65
N LEU A 79 5.10 17.89 14.91
CA LEU A 79 5.21 18.71 13.69
C LEU A 79 5.74 20.12 14.03
N ARG A 80 5.22 20.70 15.12
CA ARG A 80 5.68 22.03 15.57
C ARG A 80 7.17 21.99 15.91
N ASN A 81 7.61 20.94 16.61
CA ASN A 81 9.02 20.83 17.00
C ASN A 81 9.91 20.70 15.79
N LEU A 82 9.45 19.93 14.80
CA LEU A 82 10.23 19.69 13.58
C LEU A 82 10.41 20.99 12.80
N LEU A 83 9.41 21.91 12.84
CA LEU A 83 9.57 23.21 12.18
C LEU A 83 10.78 23.95 12.71
N GLY A 84 10.96 23.88 14.02
CA GLY A 84 12.07 24.53 14.70
C GLY A 84 13.40 23.90 14.37
N TYR A 85 13.46 22.55 14.41
CA TYR A 85 14.70 21.82 14.08
C TYR A 85 15.22 22.15 12.68
N TYR A 86 14.33 22.29 11.69
CA TYR A 86 14.74 22.53 10.30
C TYR A 86 14.61 23.99 9.87
N ASN A 87 14.26 24.89 10.83
CA ASN A 87 14.06 26.33 10.64
C ASN A 87 13.11 26.62 9.44
N GLN A 88 11.90 26.04 9.47
CA GLN A 88 10.90 26.20 8.40
C GLN A 88 9.80 27.21 8.80
N SER A 89 9.01 27.73 7.81
CA SER A 89 7.93 28.70 8.06
C SER A 89 6.71 28.06 8.76
N ALA A 90 6.22 28.68 9.86
CA ALA A 90 5.14 28.20 10.74
C ALA A 90 3.81 27.81 10.06
N GLY A 91 3.39 28.49 9.00
CA GLY A 91 2.10 28.18 8.39
C GLY A 91 2.11 27.31 7.15
N GLY A 92 3.13 26.46 7.01
CA GLY A 92 3.30 25.61 5.82
C GLY A 92 2.69 24.24 5.86
N SER A 93 2.99 23.47 4.80
N SER A 93 2.90 23.43 4.79
CA SER A 93 2.56 22.10 4.50
CA SER A 93 2.37 22.05 4.70
C SER A 93 3.72 21.11 4.76
C SER A 93 3.51 21.00 4.69
N HIS A 94 3.57 20.21 5.77
CA HIS A 94 4.59 19.22 6.14
C HIS A 94 3.91 17.93 6.57
N THR A 95 4.64 16.81 6.47
CA THR A 95 4.08 15.48 6.72
C THR A 95 4.97 14.72 7.67
N LEU A 96 4.35 14.16 8.72
CA LEU A 96 5.02 13.27 9.66
C LEU A 96 4.34 11.92 9.60
N GLN A 97 5.12 10.83 9.46
CA GLN A 97 4.58 9.48 9.31
C GLN A 97 5.24 8.55 10.31
N GLN A 98 4.46 7.55 10.76
CA GLN A 98 4.95 6.51 11.65
C GLN A 98 4.50 5.18 11.13
N MET A 99 5.34 4.19 11.32
CA MET A 99 5.02 2.77 11.06
C MET A 99 5.38 2.03 12.29
N SER A 100 4.46 1.19 12.79
N SER A 100 4.46 1.21 12.78
CA SER A 100 4.71 0.39 13.98
CA SER A 100 4.73 0.37 13.95
C SER A 100 4.04 -0.95 13.86
C SER A 100 4.15 -0.98 13.71
N GLY A 101 4.62 -1.97 14.47
CA GLY A 101 4.00 -3.28 14.38
C GLY A 101 4.86 -4.43 14.75
N CYS A 102 4.26 -5.60 14.60
CA CYS A 102 4.90 -6.86 15.00
C CYS A 102 4.65 -7.97 14.04
N ASP A 103 5.63 -8.87 13.93
CA ASP A 103 5.54 -10.14 13.24
C ASP A 103 5.59 -11.20 14.32
N LEU A 104 4.77 -12.25 14.18
CA LEU A 104 4.73 -13.31 15.19
C LEU A 104 5.53 -14.54 14.80
N GLY A 105 6.21 -15.11 15.79
CA GLY A 105 6.98 -16.33 15.58
C GLY A 105 6.12 -17.55 15.91
N SER A 106 6.68 -18.76 15.72
CA SER A 106 6.05 -20.06 15.95
C SER A 106 5.64 -20.29 17.41
N ASP A 107 6.17 -19.50 18.34
CA ASP A 107 5.82 -19.59 19.75
C ASP A 107 4.74 -18.54 20.11
N TRP A 108 4.11 -17.88 19.08
CA TRP A 108 3.10 -16.81 19.25
C TRP A 108 3.70 -15.61 20.02
N ARG A 109 5.03 -15.50 19.98
CA ARG A 109 5.80 -14.41 20.59
C ARG A 109 6.28 -13.49 19.49
N LEU A 110 6.79 -12.31 19.87
CA LEU A 110 7.34 -11.36 18.89
C LEU A 110 8.53 -11.95 18.16
N LEU A 111 8.51 -11.88 16.83
CA LEU A 111 9.59 -12.32 15.95
C LEU A 111 10.45 -11.12 15.53
N ARG A 112 9.77 -10.04 15.11
CA ARG A 112 10.41 -8.77 14.77
C ARG A 112 9.45 -7.64 15.15
N GLY A 113 9.98 -6.61 15.78
CA GLY A 113 9.22 -5.42 16.18
C GLY A 113 9.65 -4.28 15.28
N TYR A 114 8.71 -3.42 14.92
CA TYR A 114 8.94 -2.28 14.00
C TYR A 114 8.45 -0.98 14.60
N LEU A 115 9.28 0.09 14.56
N LEU A 115 9.26 0.06 14.50
CA LEU A 115 8.90 1.42 15.10
CA LEU A 115 8.92 1.39 14.97
C LEU A 115 9.74 2.54 14.45
C LEU A 115 9.80 2.37 14.26
N GLN A 116 9.22 3.18 13.39
CA GLN A 116 10.01 4.21 12.72
C GLN A 116 9.18 5.36 12.26
N PHE A 117 9.86 6.44 12.03
CA PHE A 117 9.23 7.71 11.65
C PHE A 117 9.88 8.29 10.42
N ALA A 118 9.10 9.15 9.70
CA ALA A 118 9.60 9.88 8.55
C ALA A 118 9.08 11.27 8.60
N TYR A 119 9.91 12.21 8.12
CA TYR A 119 9.45 13.59 8.00
C TYR A 119 9.59 13.94 6.53
N GLU A 120 8.53 14.53 5.91
CA GLU A 120 8.55 14.88 4.47
C GLU A 120 8.85 13.62 3.60
N GLY A 121 8.41 12.43 4.06
CA GLY A 121 8.56 11.20 3.31
C GLY A 121 9.94 10.59 3.34
N ARG A 122 10.81 11.11 4.19
CA ARG A 122 12.16 10.57 4.28
C ARG A 122 12.41 10.05 5.67
N ASP A 123 13.22 8.99 5.79
CA ASP A 123 13.53 8.47 7.10
C ASP A 123 13.95 9.58 8.06
N TYR A 124 13.44 9.52 9.31
CA TYR A 124 13.80 10.49 10.33
C TYR A 124 14.50 9.76 11.47
N ILE A 125 13.75 8.92 12.21
CA ILE A 125 14.38 8.14 13.27
C ILE A 125 13.71 6.78 13.32
N ALA A 126 14.47 5.73 13.64
CA ALA A 126 13.91 4.38 13.68
C ALA A 126 14.46 3.62 14.84
N LEU A 127 13.66 2.75 15.41
CA LEU A 127 14.12 1.85 16.47
C LEU A 127 14.79 0.70 15.78
N ASN A 128 16.00 0.31 16.26
CA ASN A 128 16.71 -0.77 15.61
C ASN A 128 16.10 -2.14 16.00
N GLU A 129 16.52 -3.21 15.30
CA GLU A 129 16.01 -4.59 15.48
C GLU A 129 16.20 -5.05 16.94
N ASP A 130 17.18 -4.46 17.66
CA ASP A 130 17.40 -4.80 19.07
C ASP A 130 16.32 -4.23 20.02
N LEU A 131 15.44 -3.30 19.51
CA LEU A 131 14.39 -2.59 20.30
C LEU A 131 15.02 -1.81 21.49
N LYS A 132 16.34 -1.48 21.36
CA LYS A 132 17.07 -0.78 22.43
C LYS A 132 17.73 0.51 21.94
N THR A 133 18.17 0.52 20.66
CA THR A 133 18.90 1.67 20.13
C THR A 133 18.14 2.28 18.96
N TRP A 134 18.49 3.53 18.67
CA TRP A 134 17.87 4.35 17.61
C TRP A 134 18.81 4.66 16.47
N THR A 135 18.27 4.66 15.23
CA THR A 135 19.01 5.12 14.07
C THR A 135 18.45 6.48 13.70
N ALA A 136 19.24 7.55 13.92
CA ALA A 136 18.88 8.90 13.47
C ALA A 136 19.32 9.01 12.02
N ALA A 137 18.45 9.41 11.10
CA ALA A 137 18.83 9.44 9.68
C ALA A 137 19.53 10.71 9.24
N ASP A 138 19.34 11.80 9.97
CA ASP A 138 19.95 13.05 9.57
C ASP A 138 20.35 13.84 10.81
N MET A 139 20.78 15.09 10.62
CA MET A 139 21.27 15.84 11.73
C MET A 139 20.17 16.33 12.64
N ALA A 140 18.98 16.68 12.13
CA ALA A 140 17.90 17.13 13.03
C ALA A 140 17.45 15.97 13.94
N ALA A 141 17.41 14.77 13.38
CA ALA A 141 17.01 13.59 14.16
C ALA A 141 17.95 13.29 15.32
N GLN A 142 19.16 13.90 15.34
CA GLN A 142 20.06 13.71 16.50
C GLN A 142 19.47 14.35 17.75
N ILE A 143 18.72 15.45 17.57
CA ILE A 143 18.09 16.15 18.70
C ILE A 143 17.06 15.19 19.30
N THR A 144 16.20 14.60 18.44
CA THR A 144 15.20 13.67 18.92
C THR A 144 15.87 12.48 19.57
N ARG A 145 16.92 11.93 18.96
CA ARG A 145 17.58 10.74 19.50
C ARG A 145 18.06 11.00 20.93
N ARG A 146 18.71 12.15 21.17
N ARG A 146 18.71 12.15 21.17
CA ARG A 146 19.16 12.46 22.53
CA ARG A 146 19.17 12.49 22.52
C ARG A 146 17.96 12.54 23.48
C ARG A 146 17.97 12.55 23.48
N LYS A 147 16.89 13.24 23.08
CA LYS A 147 15.67 13.43 23.89
C LYS A 147 15.07 12.05 24.27
N TRP A 148 15.01 11.12 23.30
CA TRP A 148 14.38 9.81 23.50
C TRP A 148 15.29 8.83 24.23
N GLU A 149 16.61 8.97 24.06
CA GLU A 149 17.52 8.16 24.88
C GLU A 149 17.37 8.60 26.35
N GLN A 150 17.20 9.91 26.59
CA GLN A 150 17.00 10.42 27.96
C GLN A 150 15.63 10.02 28.57
N SER A 151 14.55 9.99 27.76
CA SER A 151 13.21 9.66 28.25
C SER A 151 12.94 8.15 28.33
N GLY A 152 13.84 7.32 27.83
CA GLY A 152 13.60 5.88 27.80
C GLY A 152 12.51 5.50 26.82
N ALA A 153 12.43 6.21 25.67
CA ALA A 153 11.37 5.90 24.68
C ALA A 153 11.48 4.48 24.16
N ALA A 154 12.71 3.96 23.93
CA ALA A 154 12.88 2.60 23.39
C ALA A 154 12.22 1.55 24.28
N GLU A 155 12.39 1.64 25.60
CA GLU A 155 11.81 0.67 26.57
C GLU A 155 10.31 0.67 26.49
N HIS A 156 9.75 1.85 26.36
CA HIS A 156 8.33 2.10 26.24
C HIS A 156 7.80 1.38 24.99
N TYR A 157 8.44 1.58 23.84
CA TYR A 157 7.98 0.93 22.62
C TYR A 157 8.27 -0.55 22.61
N LYS A 158 9.41 -1.00 23.20
CA LYS A 158 9.73 -2.42 23.30
C LYS A 158 8.64 -3.16 24.07
N ALA A 159 8.12 -2.55 25.16
CA ALA A 159 7.05 -3.16 25.98
C ALA A 159 5.76 -3.29 25.16
N TYR A 160 5.39 -2.25 24.37
CA TYR A 160 4.21 -2.33 23.50
C TYR A 160 4.38 -3.45 22.47
N LEU A 161 5.53 -3.48 21.77
CA LEU A 161 5.77 -4.42 20.70
C LEU A 161 5.79 -5.88 21.17
N GLU A 162 6.40 -6.13 22.34
CA GLU A 162 6.52 -7.50 22.83
C GLU A 162 5.27 -7.96 23.54
N GLY A 163 4.47 -7.03 23.99
CA GLY A 163 3.26 -7.34 24.75
C GLY A 163 1.96 -7.11 23.99
N GLU A 164 1.37 -5.91 24.16
CA GLU A 164 0.10 -5.52 23.52
C GLU A 164 0.02 -5.84 22.02
N CYS A 165 1.07 -5.47 21.25
CA CYS A 165 1.05 -5.71 19.81
C CYS A 165 0.75 -7.18 19.51
N VAL A 166 1.55 -8.09 20.11
CA VAL A 166 1.47 -9.52 19.91
C VAL A 166 0.14 -10.07 20.41
N GLU A 167 -0.31 -9.60 21.58
CA GLU A 167 -1.56 -10.13 22.18
C GLU A 167 -2.80 -9.73 21.37
N TRP A 168 -2.84 -8.46 20.92
CA TRP A 168 -4.00 -7.99 20.13
C TRP A 168 -3.99 -8.66 18.78
N LEU A 169 -2.81 -8.82 18.16
CA LEU A 169 -2.74 -9.53 16.88
C LEU A 169 -3.34 -10.94 17.02
N HIS A 170 -3.01 -11.66 18.11
CA HIS A 170 -3.52 -13.02 18.30
C HIS A 170 -5.05 -13.01 18.42
N ARG A 171 -5.60 -12.03 19.13
CA ARG A 171 -7.05 -11.88 19.27
C ARG A 171 -7.73 -11.62 17.88
N TYR A 172 -7.13 -10.72 17.07
CA TYR A 172 -7.70 -10.39 15.75
C TYR A 172 -7.63 -11.57 14.81
N LEU A 173 -6.55 -12.38 14.89
CA LEU A 173 -6.46 -13.56 14.03
C LEU A 173 -7.56 -14.57 14.39
N LYS A 174 -7.88 -14.69 15.69
CA LYS A 174 -8.94 -15.62 16.11
C LYS A 174 -10.29 -15.11 15.63
N ASN A 175 -10.58 -13.82 15.85
CA ASN A 175 -11.87 -13.25 15.43
C ASN A 175 -12.05 -13.17 13.92
N GLY A 176 -10.98 -12.94 13.17
CA GLY A 176 -11.09 -12.84 11.73
C GLY A 176 -10.84 -14.13 10.99
N ASN A 177 -10.70 -15.24 11.72
CA ASN A 177 -10.38 -16.58 11.21
C ASN A 177 -11.10 -16.94 9.93
N ALA A 178 -12.44 -16.88 9.94
CA ALA A 178 -13.25 -17.29 8.80
C ALA A 178 -12.88 -16.54 7.50
N THR A 179 -12.51 -15.27 7.62
CA THR A 179 -12.12 -14.44 6.47
C THR A 179 -10.63 -14.57 6.16
N LEU A 180 -9.79 -14.51 7.21
CA LEU A 180 -8.33 -14.54 7.06
C LEU A 180 -7.85 -15.87 6.44
N LEU A 181 -8.61 -16.99 6.60
CA LEU A 181 -8.21 -18.31 6.04
C LEU A 181 -8.63 -18.48 4.59
N ARG A 182 -9.38 -17.51 4.06
CA ARG A 182 -9.84 -17.61 2.69
C ARG A 182 -8.77 -17.16 1.72
N THR A 183 -8.57 -17.98 0.68
CA THR A 183 -7.65 -17.61 -0.39
C THR A 183 -8.44 -17.59 -1.67
N ASP A 184 -8.03 -16.72 -2.60
CA ASP A 184 -8.57 -16.73 -3.96
C ASP A 184 -7.40 -17.07 -4.86
N SER A 185 -7.46 -18.20 -5.54
CA SER A 185 -6.40 -18.62 -6.44
C SER A 185 -6.37 -17.75 -7.69
N PRO A 186 -5.18 -17.53 -8.27
CA PRO A 186 -5.13 -16.78 -9.53
C PRO A 186 -5.72 -17.61 -10.68
N LYS A 187 -6.41 -16.92 -11.58
CA LYS A 187 -6.82 -17.50 -12.86
C LYS A 187 -5.79 -16.98 -13.84
N ALA A 188 -5.12 -17.88 -14.57
CA ALA A 188 -4.03 -17.50 -15.43
C ALA A 188 -4.30 -17.81 -16.90
N HIS A 189 -3.71 -16.96 -17.75
CA HIS A 189 -3.75 -17.16 -19.20
C HIS A 189 -2.59 -16.45 -19.85
N VAL A 190 -2.25 -16.86 -21.09
CA VAL A 190 -1.16 -16.27 -21.85
C VAL A 190 -1.75 -15.57 -23.07
N THR A 191 -1.33 -14.34 -23.32
CA THR A 191 -1.72 -13.58 -24.51
C THR A 191 -0.51 -13.39 -25.40
N HIS A 192 -0.76 -13.20 -26.68
CA HIS A 192 0.24 -13.16 -27.75
C HIS A 192 0.15 -11.83 -28.49
N HIS A 193 1.27 -11.12 -28.57
CA HIS A 193 1.30 -9.78 -29.17
C HIS A 193 2.43 -9.71 -30.21
N PRO A 194 2.14 -9.90 -31.52
CA PRO A 194 3.23 -9.86 -32.52
C PRO A 194 3.97 -8.52 -32.52
N ARG A 195 5.29 -8.59 -32.72
CA ARG A 195 6.18 -7.43 -32.83
C ARG A 195 6.84 -7.41 -34.21
N SER A 196 7.64 -6.39 -34.45
CA SER A 196 8.43 -6.30 -35.68
C SER A 196 9.67 -7.19 -35.48
N LYS A 197 10.43 -7.43 -36.57
CA LYS A 197 11.68 -8.19 -36.58
C LYS A 197 11.50 -9.65 -36.12
N GLY A 198 10.39 -10.27 -36.53
CA GLY A 198 10.08 -11.67 -36.25
C GLY A 198 10.03 -12.05 -34.78
N GLU A 199 9.57 -11.12 -33.94
CA GLU A 199 9.49 -11.34 -32.51
C GLU A 199 8.05 -11.27 -32.03
N VAL A 200 7.79 -11.89 -30.88
CA VAL A 200 6.44 -11.91 -30.31
C VAL A 200 6.56 -11.64 -28.84
N THR A 201 5.65 -10.84 -28.26
CA THR A 201 5.59 -10.73 -26.82
C THR A 201 4.57 -11.75 -26.29
N LEU A 202 4.99 -12.59 -25.34
CA LEU A 202 4.06 -13.49 -24.63
C LEU A 202 3.84 -12.88 -23.27
N ARG A 203 2.57 -12.70 -22.87
CA ARG A 203 2.28 -12.08 -21.58
C ARG A 203 1.49 -13.08 -20.76
N CYS A 204 2.01 -13.41 -19.57
CA CYS A 204 1.36 -14.35 -18.68
C CYS A 204 0.61 -13.54 -17.62
N TRP A 205 -0.71 -13.70 -17.59
CA TRP A 205 -1.54 -12.96 -16.65
C TRP A 205 -1.92 -13.81 -15.47
N ALA A 206 -1.99 -13.20 -14.27
CA ALA A 206 -2.52 -13.83 -13.07
C ALA A 206 -3.58 -12.87 -12.55
N LEU A 207 -4.83 -13.29 -12.54
CA LEU A 207 -5.91 -12.39 -12.16
C LEU A 207 -6.77 -12.92 -11.04
N GLY A 208 -7.28 -11.99 -10.24
CA GLY A 208 -8.24 -12.29 -9.18
C GLY A 208 -7.74 -13.06 -7.99
N PHE A 209 -6.48 -12.84 -7.61
CA PHE A 209 -5.92 -13.63 -6.51
C PHE A 209 -5.85 -12.86 -5.19
N TYR A 210 -5.88 -13.64 -4.10
CA TYR A 210 -5.75 -13.10 -2.74
C TYR A 210 -5.12 -14.20 -1.89
N PRO A 211 -4.10 -13.93 -1.07
CA PRO A 211 -3.42 -12.65 -0.86
C PRO A 211 -2.57 -12.16 -2.02
N ALA A 212 -1.98 -10.97 -1.90
CA ALA A 212 -1.22 -10.35 -2.99
C ALA A 212 0.08 -11.09 -3.31
N ASP A 213 0.57 -11.93 -2.37
CA ASP A 213 1.85 -12.61 -2.57
C ASP A 213 1.76 -13.57 -3.75
N ILE A 214 2.66 -13.41 -4.74
CA ILE A 214 2.65 -14.28 -5.92
C ILE A 214 3.98 -14.27 -6.58
N THR A 215 4.25 -15.36 -7.31
CA THR A 215 5.46 -15.45 -8.13
C THR A 215 5.07 -15.84 -9.55
N LEU A 216 5.53 -15.07 -10.53
CA LEU A 216 5.35 -15.42 -11.97
C LEU A 216 6.72 -15.63 -12.59
N THR A 217 6.89 -16.73 -13.33
CA THR A 217 8.17 -17.00 -14.00
C THR A 217 7.93 -17.46 -15.42
N TRP A 218 8.95 -17.30 -16.25
CA TRP A 218 8.96 -17.77 -17.64
C TRP A 218 10.17 -18.66 -17.80
N GLN A 219 9.98 -19.77 -18.53
CA GLN A 219 11.03 -20.74 -18.82
C GLN A 219 11.11 -21.03 -20.31
N LEU A 220 12.31 -21.22 -20.83
CA LEU A 220 12.54 -21.69 -22.19
C LEU A 220 12.98 -23.12 -22.07
N ASN A 221 12.20 -24.06 -22.63
CA ASN A 221 12.46 -25.51 -22.59
C ASN A 221 12.85 -26.00 -21.18
N GLY A 222 12.13 -25.50 -20.16
CA GLY A 222 12.35 -25.85 -18.75
C GLY A 222 13.41 -25.08 -17.99
N GLU A 223 14.13 -24.16 -18.66
CA GLU A 223 15.21 -23.34 -18.08
C GLU A 223 14.69 -21.93 -17.77
N GLU A 224 14.96 -21.41 -16.54
CA GLU A 224 14.50 -20.09 -16.09
C GLU A 224 15.03 -18.95 -16.96
N LEU A 225 14.20 -17.89 -17.12
CA LEU A 225 14.46 -16.70 -17.94
C LEU A 225 14.48 -15.42 -17.11
N THR A 226 15.68 -14.80 -16.95
CA THR A 226 15.82 -13.56 -16.19
C THR A 226 16.02 -12.40 -17.17
N MET A 229 12.69 -10.38 -19.09
CA MET A 229 11.31 -10.52 -18.59
C MET A 229 10.83 -9.18 -18.02
N GLU A 230 9.65 -8.70 -18.44
CA GLU A 230 9.04 -7.46 -17.90
C GLU A 230 7.98 -7.91 -16.88
N LEU A 231 7.99 -7.35 -15.68
CA LEU A 231 7.08 -7.75 -14.59
C LEU A 231 6.45 -6.51 -14.03
N VAL A 232 5.12 -6.35 -14.14
CA VAL A 232 4.50 -5.14 -13.56
C VAL A 232 4.31 -5.33 -12.08
N GLU A 233 4.23 -4.22 -11.39
CA GLU A 233 3.96 -4.20 -9.96
C GLU A 233 2.53 -4.77 -9.73
N THR A 234 2.36 -5.62 -8.71
CA THR A 234 1.08 -6.18 -8.30
C THR A 234 0.14 -5.00 -8.05
N ARG A 235 -1.07 -5.16 -8.57
CA ARG A 235 -2.02 -4.06 -8.55
C ARG A 235 -3.38 -4.54 -8.14
N PRO A 236 -4.14 -3.67 -7.46
CA PRO A 236 -5.47 -4.08 -7.02
C PRO A 236 -6.49 -4.13 -8.16
N ALA A 237 -7.34 -5.13 -8.17
CA ALA A 237 -8.40 -5.24 -9.18
C ALA A 237 -9.56 -4.34 -8.85
N GLY A 238 -9.69 -3.97 -7.59
CA GLY A 238 -10.78 -3.09 -7.14
C GLY A 238 -11.90 -3.80 -6.39
N ASP A 239 -11.84 -5.15 -6.32
CA ASP A 239 -12.82 -6.03 -5.64
C ASP A 239 -12.17 -6.77 -4.45
N GLY A 240 -10.98 -6.32 -4.05
CA GLY A 240 -10.29 -6.96 -2.93
C GLY A 240 -9.22 -7.93 -3.36
N THR A 241 -9.19 -8.29 -4.65
CA THR A 241 -8.21 -9.22 -5.23
C THR A 241 -7.18 -8.44 -6.03
N PHE A 242 -6.16 -9.19 -6.53
CA PHE A 242 -5.04 -8.54 -7.17
C PHE A 242 -4.79 -9.11 -8.55
N GLN A 243 -3.96 -8.39 -9.31
CA GLN A 243 -3.54 -8.77 -10.67
C GLN A 243 -2.07 -8.62 -10.78
N LYS A 244 -1.47 -9.36 -11.74
CA LYS A 244 -0.05 -9.19 -12.08
C LYS A 244 0.16 -9.84 -13.42
N TRP A 245 1.16 -9.37 -14.17
CA TRP A 245 1.53 -10.07 -15.39
C TRP A 245 3.03 -10.01 -15.54
N ALA A 246 3.52 -10.96 -16.34
CA ALA A 246 4.95 -11.10 -16.68
C ALA A 246 5.06 -11.38 -18.14
N SER A 247 5.90 -10.64 -18.88
CA SER A 247 6.01 -10.89 -20.34
C SER A 247 7.44 -11.15 -20.78
N VAL A 248 7.57 -11.82 -21.92
CA VAL A 248 8.87 -12.10 -22.53
C VAL A 248 8.74 -11.88 -24.03
N VAL A 249 9.83 -11.53 -24.69
CA VAL A 249 9.88 -11.38 -26.14
C VAL A 249 10.53 -12.68 -26.68
N VAL A 250 9.81 -13.38 -27.55
CA VAL A 250 10.27 -14.68 -28.04
C VAL A 250 10.33 -14.66 -29.56
N PRO A 251 11.07 -15.61 -30.17
CA PRO A 251 11.06 -15.68 -31.65
C PRO A 251 9.74 -16.22 -32.19
N LEU A 252 9.25 -15.63 -33.28
CA LEU A 252 8.08 -16.11 -34.00
C LEU A 252 8.32 -17.58 -34.41
N GLY A 253 7.32 -18.40 -34.16
CA GLY A 253 7.37 -19.83 -34.47
C GLY A 253 7.91 -20.69 -33.34
N LYS A 254 8.42 -20.05 -32.26
CA LYS A 254 8.98 -20.83 -31.15
C LYS A 254 8.23 -20.62 -29.85
N GLU A 255 7.02 -20.09 -29.94
CA GLU A 255 6.20 -19.76 -28.76
C GLU A 255 5.93 -20.97 -27.87
N GLN A 256 5.77 -22.18 -28.45
CA GLN A 256 5.42 -23.38 -27.68
C GLN A 256 6.58 -23.88 -26.80
N ASN A 257 7.79 -23.36 -27.01
CA ASN A 257 8.99 -23.73 -26.22
C ASN A 257 9.03 -23.01 -24.87
N TYR A 258 8.12 -22.05 -24.67
CA TYR A 258 8.07 -21.24 -23.45
C TYR A 258 6.91 -21.62 -22.56
N THR A 259 7.18 -21.61 -21.25
CA THR A 259 6.17 -21.94 -20.24
C THR A 259 6.17 -20.88 -19.18
N CYS A 260 4.96 -20.50 -18.75
CA CYS A 260 4.81 -19.60 -17.62
C CYS A 260 4.44 -20.46 -16.42
N ARG A 261 4.95 -20.10 -15.24
CA ARG A 261 4.59 -20.79 -14.01
C ARG A 261 4.15 -19.78 -12.97
N VAL A 262 3.05 -20.09 -12.32
CA VAL A 262 2.44 -19.20 -11.33
C VAL A 262 2.43 -19.92 -9.99
N TYR A 263 3.03 -19.28 -8.98
CA TYR A 263 3.10 -19.77 -7.61
C TYR A 263 2.22 -18.89 -6.72
N HIS A 264 1.28 -19.51 -6.03
CA HIS A 264 0.36 -18.81 -5.10
C HIS A 264 -0.17 -19.77 -4.06
N GLU A 265 -0.34 -19.29 -2.81
CA GLU A 265 -0.72 -20.17 -1.70
C GLU A 265 -2.11 -20.75 -1.80
N GLY A 266 -2.98 -20.18 -2.63
CA GLY A 266 -4.31 -20.74 -2.80
C GLY A 266 -4.36 -21.98 -3.65
N LEU A 267 -3.29 -22.20 -4.42
CA LEU A 267 -3.19 -23.34 -5.35
C LEU A 267 -2.67 -24.60 -4.64
N PRO A 268 -3.24 -25.81 -4.87
CA PRO A 268 -2.63 -27.01 -4.27
C PRO A 268 -1.24 -27.27 -4.90
N GLU A 269 -1.03 -26.80 -6.14
CA GLU A 269 0.25 -26.91 -6.87
C GLU A 269 0.45 -25.71 -7.82
N PRO A 270 1.72 -25.34 -8.17
CA PRO A 270 1.91 -24.23 -9.12
C PRO A 270 1.25 -24.47 -10.47
N LEU A 271 0.71 -23.42 -11.08
CA LEU A 271 0.10 -23.58 -12.41
C LEU A 271 1.17 -23.49 -13.47
N THR A 272 1.15 -24.37 -14.47
CA THR A 272 2.06 -24.28 -15.62
C THR A 272 1.20 -24.06 -16.85
N LEU A 273 1.57 -23.08 -17.67
CA LEU A 273 0.76 -22.81 -18.86
C LEU A 273 1.60 -22.27 -19.99
N ARG A 274 1.00 -22.29 -21.18
CA ARG A 274 1.66 -21.81 -22.38
C ARG A 274 0.65 -21.14 -23.28
N TRP A 275 1.15 -20.49 -24.31
CA TRP A 275 0.34 -19.86 -25.34
C TRP A 275 -0.52 -20.94 -26.03
N GLU A 276 -1.85 -20.71 -26.08
CA GLU A 276 -2.80 -21.64 -26.66
C GLU A 276 -3.45 -20.96 -27.87
N PRO A 277 -2.88 -21.15 -29.07
CA PRO A 277 -3.46 -20.48 -30.25
C PRO A 277 -4.89 -20.98 -30.55
N PRO A 278 -5.77 -20.11 -31.09
CA PRO A 278 -7.15 -20.56 -31.41
C PRO A 278 -7.22 -21.29 -32.77
N GLN B 2 12.90 13.82 -8.30
CA GLN B 2 11.56 13.83 -7.71
C GLN B 2 10.90 12.45 -7.57
N ARG B 3 10.09 12.29 -6.48
CA ARG B 3 9.22 11.14 -6.13
C ARG B 3 7.89 11.29 -6.84
N THR B 4 7.92 11.13 -8.13
CA THR B 4 6.76 11.34 -8.96
C THR B 4 5.79 10.16 -8.86
N PRO B 5 4.51 10.41 -9.12
CA PRO B 5 3.52 9.31 -9.09
C PRO B 5 3.69 8.30 -10.22
N LYS B 6 3.79 7.02 -9.86
CA LYS B 6 3.75 5.94 -10.85
C LYS B 6 2.32 5.67 -11.18
N ILE B 7 2.07 5.27 -12.42
N ILE B 7 2.07 5.27 -12.42
CA ILE B 7 0.71 5.03 -12.85
CA ILE B 7 0.71 5.03 -12.85
C ILE B 7 0.57 3.70 -13.57
C ILE B 7 0.57 3.70 -13.57
N GLN B 8 -0.50 2.94 -13.24
CA GLN B 8 -0.95 1.78 -14.01
C GLN B 8 -2.42 2.02 -14.34
N VAL B 9 -2.81 1.92 -15.61
CA VAL B 9 -4.19 2.07 -16.06
C VAL B 9 -4.59 0.71 -16.62
N TYR B 10 -5.73 0.17 -16.17
CA TYR B 10 -6.09 -1.19 -16.56
C TYR B 10 -7.53 -1.46 -16.21
N SER B 11 -8.09 -2.56 -16.69
CA SER B 11 -9.46 -2.91 -16.37
C SER B 11 -9.52 -3.98 -15.31
N ARG B 12 -10.64 -4.02 -14.55
CA ARG B 12 -10.80 -5.04 -13.50
C ARG B 12 -10.84 -6.46 -14.13
N HIS B 13 -11.57 -6.61 -15.25
CA HIS B 13 -11.73 -7.89 -15.96
C HIS B 13 -11.11 -7.81 -17.38
N PRO B 14 -10.70 -8.92 -18.06
CA PRO B 14 -10.16 -8.78 -19.43
C PRO B 14 -11.20 -8.10 -20.32
N ALA B 15 -10.75 -7.08 -21.07
CA ALA B 15 -11.69 -6.26 -21.81
C ALA B 15 -12.29 -6.96 -23.02
N GLU B 16 -13.62 -6.72 -23.22
CA GLU B 16 -14.32 -7.22 -24.41
C GLU B 16 -15.21 -6.05 -24.88
N ASN B 17 -15.13 -5.68 -26.16
CA ASN B 17 -15.93 -4.54 -26.63
C ASN B 17 -17.43 -4.77 -26.36
N GLY B 18 -18.09 -3.76 -25.79
CA GLY B 18 -19.51 -3.85 -25.52
C GLY B 18 -19.90 -4.49 -24.18
N LYS B 19 -18.90 -4.97 -23.39
CA LYS B 19 -19.19 -5.59 -22.11
C LYS B 19 -18.77 -4.70 -20.95
N SER B 20 -19.72 -4.36 -20.09
CA SER B 20 -19.47 -3.51 -18.92
C SER B 20 -18.33 -4.10 -18.06
N ASN B 21 -17.53 -3.18 -17.53
CA ASN B 21 -16.31 -3.49 -16.78
C ASN B 21 -16.02 -2.33 -15.83
N PHE B 22 -14.80 -2.31 -15.27
CA PHE B 22 -14.33 -1.20 -14.43
C PHE B 22 -12.99 -0.78 -14.92
N LEU B 23 -12.82 0.54 -15.04
CA LEU B 23 -11.55 1.15 -15.44
C LEU B 23 -10.83 1.62 -14.19
N ASN B 24 -9.59 1.19 -14.00
CA ASN B 24 -8.79 1.53 -12.84
C ASN B 24 -7.60 2.36 -13.19
N CYS B 25 -7.26 3.29 -12.31
CA CYS B 25 -6.00 4.00 -12.38
C CYS B 25 -5.36 3.90 -11.01
N TYR B 26 -4.31 3.12 -10.91
CA TYR B 26 -3.59 2.88 -9.69
C TYR B 26 -2.39 3.83 -9.66
N VAL B 27 -2.41 4.78 -8.72
CA VAL B 27 -1.36 5.81 -8.62
C VAL B 27 -0.60 5.54 -7.34
N SER B 28 0.72 5.44 -7.41
CA SER B 28 1.50 5.07 -6.25
C SER B 28 2.86 5.71 -6.26
N GLY B 29 3.60 5.54 -5.16
CA GLY B 29 4.97 6.03 -5.05
C GLY B 29 5.17 7.52 -4.97
N PHE B 30 4.09 8.28 -4.65
CA PHE B 30 4.17 9.73 -4.63
C PHE B 30 4.23 10.30 -3.22
N HIS B 31 4.83 11.50 -3.14
CA HIS B 31 4.91 12.20 -1.89
C HIS B 31 5.11 13.67 -2.27
N PRO B 32 4.37 14.64 -1.66
CA PRO B 32 3.37 14.55 -0.59
C PRO B 32 2.04 13.93 -1.01
N SER B 33 1.11 13.82 -0.06
CA SER B 33 -0.12 13.06 -0.27
C SER B 33 -1.16 13.75 -1.14
N ASP B 34 -1.15 15.07 -1.24
CA ASP B 34 -2.17 15.73 -2.06
C ASP B 34 -1.92 15.42 -3.53
N ILE B 35 -2.99 15.14 -4.26
CA ILE B 35 -2.87 14.77 -5.67
C ILE B 35 -4.20 14.97 -6.36
N GLU B 36 -4.15 15.19 -7.68
CA GLU B 36 -5.36 15.27 -8.48
C GLU B 36 -5.28 14.20 -9.54
N VAL B 37 -6.26 13.31 -9.55
CA VAL B 37 -6.29 12.22 -10.50
C VAL B 37 -7.61 12.28 -11.21
N ASP B 38 -7.55 12.27 -12.53
CA ASP B 38 -8.74 12.22 -13.34
C ASP B 38 -8.70 11.08 -14.32
N LEU B 39 -9.87 10.49 -14.58
CA LEU B 39 -10.05 9.54 -15.65
C LEU B 39 -10.64 10.31 -16.80
N LEU B 40 -10.13 10.07 -18.00
CA LEU B 40 -10.54 10.79 -19.22
C LEU B 40 -11.16 9.85 -20.21
N LYS B 41 -12.19 10.34 -20.91
CA LYS B 41 -12.81 9.64 -22.03
C LYS B 41 -12.73 10.59 -23.24
N ASN B 42 -11.95 10.23 -24.25
CA ASN B 42 -11.74 11.08 -25.43
C ASN B 42 -11.28 12.49 -25.00
N GLY B 43 -10.39 12.54 -24.02
CA GLY B 43 -9.80 13.80 -23.52
C GLY B 43 -10.61 14.60 -22.53
N GLU B 44 -11.83 14.16 -22.19
CA GLU B 44 -12.73 14.88 -21.27
C GLU B 44 -12.83 14.17 -19.94
N ARG B 45 -12.81 14.94 -18.85
CA ARG B 45 -12.88 14.43 -17.49
C ARG B 45 -14.18 13.67 -17.24
N ILE B 46 -14.07 12.44 -16.70
CA ILE B 46 -15.24 11.65 -16.31
C ILE B 46 -15.68 12.12 -14.91
N GLU B 47 -16.96 12.42 -14.72
CA GLU B 47 -17.42 12.86 -13.40
C GLU B 47 -17.75 11.65 -12.52
N LYS B 48 -17.83 11.85 -11.20
CA LYS B 48 -18.23 10.84 -10.20
C LYS B 48 -17.32 9.59 -10.15
N VAL B 49 -16.03 9.75 -10.54
CA VAL B 49 -15.01 8.69 -10.40
C VAL B 49 -14.84 8.46 -8.88
N GLU B 50 -14.77 7.19 -8.46
CA GLU B 50 -14.56 6.86 -7.04
C GLU B 50 -13.08 6.59 -6.74
N HIS B 51 -12.69 6.74 -5.49
CA HIS B 51 -11.31 6.43 -5.15
C HIS B 51 -11.22 5.86 -3.77
N SER B 52 -10.14 5.11 -3.57
CA SER B 52 -9.84 4.51 -2.28
C SER B 52 -9.36 5.57 -1.30
N ASP B 53 -9.33 5.21 0.00
CA ASP B 53 -8.90 6.14 1.02
C ASP B 53 -7.39 6.14 1.05
N LEU B 54 -6.81 7.20 1.59
CA LEU B 54 -5.37 7.39 1.59
C LEU B 54 -4.61 6.31 2.38
N SER B 55 -3.65 5.73 1.69
CA SER B 55 -2.77 4.72 2.27
C SER B 55 -1.34 4.97 1.90
N PHE B 56 -0.40 4.38 2.64
CA PHE B 56 1.00 4.56 2.27
C PHE B 56 1.73 3.25 2.40
N SER B 57 2.83 3.11 1.66
CA SER B 57 3.67 1.89 1.58
C SER B 57 4.86 1.95 2.54
N LYS B 58 5.55 0.82 2.69
CA LYS B 58 6.67 0.72 3.62
C LYS B 58 7.87 1.65 3.26
N ASP B 59 7.88 2.27 2.05
CA ASP B 59 8.90 3.24 1.73
C ASP B 59 8.37 4.66 1.94
N TRP B 60 7.21 4.78 2.65
CA TRP B 60 6.53 6.02 3.04
C TRP B 60 5.70 6.65 1.96
N SER B 61 5.82 6.17 0.71
CA SER B 61 5.10 6.85 -0.37
C SER B 61 3.62 6.48 -0.38
N PHE B 62 2.76 7.39 -0.87
CA PHE B 62 1.32 7.18 -0.86
C PHE B 62 0.80 6.46 -2.09
N TYR B 63 -0.40 5.83 -1.97
CA TYR B 63 -1.01 5.15 -3.09
C TYR B 63 -2.52 5.23 -2.99
N LEU B 64 -3.17 5.30 -4.15
CA LEU B 64 -4.60 5.44 -4.30
C LEU B 64 -5.07 4.69 -5.54
N LEU B 65 -6.29 4.19 -5.49
CA LEU B 65 -6.93 3.55 -6.63
C LEU B 65 -8.11 4.41 -7.01
N TYR B 66 -8.13 4.92 -8.27
CA TYR B 66 -9.30 5.64 -8.83
C TYR B 66 -9.98 4.69 -9.78
N TYR B 67 -11.30 4.67 -9.78
CA TYR B 67 -11.99 3.73 -10.65
C TYR B 67 -13.38 4.21 -11.02
N THR B 68 -13.86 3.68 -12.13
CA THR B 68 -15.22 3.95 -12.60
C THR B 68 -15.70 2.78 -13.40
N GLU B 69 -17.01 2.60 -13.45
CA GLU B 69 -17.59 1.62 -14.35
C GLU B 69 -17.45 2.13 -15.78
N PHE B 70 -17.18 1.24 -16.73
CA PHE B 70 -17.10 1.70 -18.13
C PHE B 70 -17.36 0.53 -19.04
N THR B 71 -17.64 0.82 -20.30
CA THR B 71 -17.80 -0.22 -21.29
C THR B 71 -16.77 -0.03 -22.40
N PRO B 72 -15.76 -0.90 -22.49
CA PRO B 72 -14.77 -0.78 -23.58
C PRO B 72 -15.43 -0.79 -24.94
N THR B 73 -14.88 0.00 -25.87
CA THR B 73 -15.31 0.06 -27.27
C THR B 73 -14.09 0.10 -28.16
N GLU B 74 -14.31 -0.09 -29.45
CA GLU B 74 -13.22 -0.07 -30.39
C GLU B 74 -12.51 1.30 -30.42
N LYS B 75 -13.27 2.42 -30.48
CA LYS B 75 -12.73 3.74 -30.76
C LYS B 75 -12.63 4.71 -29.56
N ASP B 76 -13.38 4.51 -28.46
CA ASP B 76 -13.25 5.44 -27.32
C ASP B 76 -11.87 5.30 -26.69
N GLU B 77 -11.22 6.43 -26.45
CA GLU B 77 -9.87 6.48 -25.86
C GLU B 77 -10.00 6.80 -24.38
N TYR B 78 -9.51 5.92 -23.51
CA TYR B 78 -9.54 6.12 -22.06
C TYR B 78 -8.15 6.36 -21.57
N ALA B 79 -8.04 7.19 -20.55
CA ALA B 79 -6.73 7.55 -20.03
C ALA B 79 -6.86 7.99 -18.60
N CYS B 80 -5.72 8.06 -17.93
CA CYS B 80 -5.61 8.58 -16.57
C CYS B 80 -4.72 9.80 -16.61
N ARG B 81 -5.19 10.93 -16.02
CA ARG B 81 -4.39 12.17 -15.97
C ARG B 81 -4.06 12.49 -14.51
N VAL B 82 -2.78 12.63 -14.19
CA VAL B 82 -2.39 12.91 -12.81
C VAL B 82 -1.70 14.29 -12.74
N ASN B 83 -2.15 15.10 -11.78
CA ASN B 83 -1.50 16.37 -11.47
C ASN B 83 -0.94 16.26 -10.07
N HIS B 84 0.32 16.62 -9.90
CA HIS B 84 1.01 16.48 -8.60
C HIS B 84 2.15 17.47 -8.53
N VAL B 85 2.49 17.97 -7.32
CA VAL B 85 3.51 19.02 -7.15
C VAL B 85 4.91 18.58 -7.65
N THR B 86 5.19 17.27 -7.66
CA THR B 86 6.48 16.77 -8.16
C THR B 86 6.56 16.75 -9.70
N LEU B 87 5.44 16.95 -10.41
CA LEU B 87 5.44 16.89 -11.87
C LEU B 87 5.58 18.29 -12.43
N SER B 88 6.30 18.41 -13.57
CA SER B 88 6.42 19.73 -14.20
C SER B 88 5.20 20.01 -15.10
N GLN B 89 4.36 18.98 -15.34
CA GLN B 89 3.21 19.08 -16.24
C GLN B 89 2.28 17.91 -15.95
N PRO B 90 1.01 17.92 -16.41
CA PRO B 90 0.15 16.74 -16.19
C PRO B 90 0.75 15.47 -16.80
N LYS B 91 0.62 14.34 -16.09
CA LYS B 91 1.09 13.04 -16.56
C LYS B 91 -0.12 12.26 -17.10
N ILE B 92 -0.11 11.96 -18.39
CA ILE B 92 -1.27 11.27 -19.01
C ILE B 92 -0.82 9.90 -19.44
N VAL B 93 -1.54 8.85 -18.98
CA VAL B 93 -1.25 7.48 -19.38
C VAL B 93 -2.52 6.89 -20.03
N LYS B 94 -2.39 6.41 -21.28
CA LYS B 94 -3.54 5.86 -21.99
C LYS B 94 -3.82 4.45 -21.50
N TRP B 95 -5.11 4.07 -21.45
CA TRP B 95 -5.47 2.69 -21.20
C TRP B 95 -5.17 1.86 -22.45
N ASP B 96 -4.48 0.74 -22.24
CA ASP B 96 -4.18 -0.24 -23.29
C ASP B 96 -4.67 -1.58 -22.76
N ARG B 97 -5.74 -2.13 -23.38
CA ARG B 97 -6.35 -3.39 -22.92
C ARG B 97 -5.38 -4.57 -22.88
N ASP B 98 -4.23 -4.44 -23.57
CA ASP B 98 -3.23 -5.52 -23.58
C ASP B 98 -2.23 -5.46 -22.39
N MET B 99 -2.30 -4.39 -21.55
N MET B 99 -2.42 -4.50 -21.47
CA MET B 99 -1.35 -4.11 -20.46
CA MET B 99 -1.58 -4.34 -20.29
C MET B 99 -2.00 -4.06 -19.04
C MET B 99 -2.44 -3.97 -19.07
N SER C 1 -4.61 -3.07 18.11
CA SER C 1 -4.52 -1.97 19.06
C SER C 1 -3.21 -1.22 18.81
N GLY C 2 -3.30 0.04 18.40
CA GLY C 2 -2.13 0.80 18.03
C GLY C 2 -1.29 1.27 19.20
N PRO C 3 -0.08 1.80 18.90
CA PRO C 3 0.80 2.30 19.97
C PRO C 3 0.31 3.60 20.57
N ASP C 4 0.79 3.86 21.80
CA ASP C 4 0.65 5.14 22.49
C ASP C 4 2.06 5.68 22.54
N ASN C 5 2.38 6.75 21.81
CA ASN C 5 3.75 7.26 21.75
C ASN C 5 4.24 7.95 23.04
N GLY C 6 3.32 8.13 23.99
CA GLY C 6 3.69 8.68 25.29
C GLY C 6 3.77 10.19 25.35
N ALA C 7 4.36 10.71 26.45
CA ALA C 7 4.37 12.14 26.66
C ALA C 7 5.48 12.89 25.95
N VAL C 8 6.56 12.22 25.54
CA VAL C 8 7.71 12.91 24.95
C VAL C 8 7.59 12.88 23.42
N ALA C 9 7.48 14.06 22.81
CA ALA C 9 7.34 14.22 21.37
C ALA C 9 8.70 14.17 20.66
N VAL C 10 8.72 14.28 19.32
CA VAL C 10 10.03 14.31 18.63
C VAL C 10 10.84 15.56 19.08
C1 EDO D . 12.20 -1.32 13.53
O1 EDO D . 11.87 -1.10 14.91
C2 EDO D . 12.09 0.01 12.76
O2 EDO D . 11.90 -0.26 11.39
C1 PEG E . 4.58 16.58 24.24
O1 PEG E . 3.98 17.79 24.66
C2 PEG E . 3.74 15.80 23.27
O2 PEG E . 2.53 15.37 23.88
C3 PEG E . 1.35 15.81 23.20
C4 PEG E . 0.77 17.00 23.94
O4 PEG E . -0.19 17.71 23.16
C1 EDO F . 0.92 -1.87 -17.11
O1 EDO F . 1.66 -1.40 -16.01
C2 EDO F . -0.19 -0.90 -17.45
O2 EDO F . -1.23 -1.01 -16.50
C1 PEG G . 1.28 -3.44 6.13
O1 PEG G . 1.10 -4.69 6.70
C2 PEG G . 0.74 -3.39 4.75
O2 PEG G . 0.28 -2.09 4.51
C3 PEG G . 0.22 -1.75 3.16
C4 PEG G . 0.50 -0.31 3.02
O4 PEG G . -0.65 0.49 3.17
P PO4 H . -16.97 15.08 -9.55
O1 PO4 H . -15.68 14.14 -9.59
O2 PO4 H . -16.82 16.24 -10.56
O3 PO4 H . -17.13 15.67 -8.07
O4 PO4 H . -18.29 14.24 -9.90
#